data_4KPU
#
_entry.id   4KPU
#
_cell.length_a   80.180
_cell.length_b   84.890
_cell.length_c   106.730
_cell.angle_alpha   90.00
_cell.angle_beta   90.00
_cell.angle_gamma   90.00
#
_symmetry.space_group_name_H-M   'P 21 21 21'
#
loop_
_entity.id
_entity.type
_entity.pdbx_description
1 polymer 'Electron transfer flavoprotein alpha subunit'
2 polymer 'Electron transfer flavoprotein alpha/beta-subunit'
3 non-polymer 'FLAVIN-ADENINE DINUCLEOTIDE'
4 non-polymer 'CHLORIDE ION'
5 water water
#
loop_
_entity_poly.entity_id
_entity_poly.type
_entity_poly.pdbx_seq_one_letter_code
_entity_poly.pdbx_strand_id
1 'polypeptide(L)'
;MANTKGLKTGNEKDLWVYVEHYKGEPVHVVYELLGECRKLADKCNQKLAAVLITDDAKDVPSKLIARGADLVYVCQDPAF
KYYSTDEYTNAFCEMIDEYQPSSVFIGATNDGRDLGPRIAARVNTGLCADCTILDAEEDGLIEWTRPAAGGNIMATILCK
EHRPQMGTVRPKTFKAMEPDASRTGEVINYTLKNHVDDRVTCIRREEVVSEGEMAIDDAPFVCSGGRGMKAKENFSLLYD
LAHALGGAVGGSRAAVDEGFIEHPRQVGQSGKTVTPKIYFACGISGSVQHKAGMSKSDTIVCINKDPDAPMFEISKYGIV
GDALKILPLLTAKIKAFKESHHHHHH
;
A
2 'polypeptide(L)'
;MNIVVCVKQVPDTAEMKIDPVTNNLVRDGVTNIMNPYDQYALETALQLKDELGAHVTVITMGPPHAESVLRDCLAVGADE
AKLVSDRAFGGADTLATSAAMANTIKHFGVPDLILCGRQAIDGDTAQVGPEIAEHLGLPQVTAALKVQVKDDTVVVDRDN
EQMSMTFTMKMPCVVTVMRSKDLRFASIRGKMKARKAEIPVYTAAALEIPLDIIGKAGSPTQVMKSFTPKVTQVHGEIFD
DEDPAVAVDKLVNKLIEDKIITK
;
B
#
# COMPACT_ATOMS: atom_id res chain seq x y z
N ASN A 3 -31.18 2.75 -1.82
CA ASN A 3 -29.83 2.10 -1.73
C ASN A 3 -29.76 0.68 -1.01
N THR A 4 -30.19 -0.39 -1.72
CA THR A 4 -30.12 -1.78 -1.15
C THR A 4 -29.06 -2.72 -1.74
N LYS A 5 -28.27 -2.21 -2.67
CA LYS A 5 -27.24 -3.04 -3.32
C LYS A 5 -26.16 -3.47 -2.31
N GLY A 6 -25.81 -4.74 -2.33
CA GLY A 6 -24.85 -5.38 -1.38
C GLY A 6 -25.37 -5.70 0.00
N LEU A 7 -26.60 -5.37 0.33
CA LEU A 7 -27.11 -5.69 1.61
C LEU A 7 -27.21 -7.18 1.89
N LYS A 8 -26.93 -7.56 3.13
CA LYS A 8 -26.98 -8.94 3.52
C LYS A 8 -28.32 -9.58 3.28
N THR A 9 -28.25 -10.80 2.80
CA THR A 9 -29.40 -11.69 2.63
C THR A 9 -29.63 -12.43 3.93
N GLY A 10 -28.56 -12.68 4.65
CA GLY A 10 -28.55 -13.52 5.82
C GLY A 10 -28.12 -14.93 5.57
N ASN A 11 -27.95 -15.32 4.32
CA ASN A 11 -27.61 -16.63 3.98
C ASN A 11 -26.19 -16.77 3.51
N GLU A 12 -25.41 -15.68 3.63
CA GLU A 12 -24.01 -15.76 3.32
C GLU A 12 -23.33 -16.66 4.29
N LYS A 13 -22.32 -17.31 3.76
CA LYS A 13 -21.48 -18.21 4.53
C LYS A 13 -20.11 -18.44 3.93
N ASP A 14 -19.13 -18.60 4.85
CA ASP A 14 -17.76 -18.99 4.59
C ASP A 14 -16.86 -17.71 4.43
N LEU A 15 -15.61 -17.96 4.75
CA LEU A 15 -14.51 -16.98 4.70
C LEU A 15 -13.66 -17.34 3.52
N TRP A 16 -13.43 -16.39 2.61
CA TRP A 16 -12.63 -16.64 1.37
C TRP A 16 -11.34 -15.94 1.40
N VAL A 17 -10.27 -16.60 1.03
CA VAL A 17 -8.92 -16.02 0.88
C VAL A 17 -8.53 -16.00 -0.58
N TYR A 18 -8.21 -14.84 -1.14
CA TYR A 18 -7.72 -14.69 -2.50
C TYR A 18 -6.37 -15.30 -2.69
N VAL A 19 -6.27 -16.20 -3.67
CA VAL A 19 -4.96 -16.80 -4.03
C VAL A 19 -4.21 -15.95 -5.04
N GLU A 20 -3.40 -15.00 -4.55
CA GLU A 20 -2.45 -14.34 -5.43
C GLU A 20 -1.34 -15.30 -5.71
N HIS A 21 -0.94 -15.33 -6.98
CA HIS A 21 0.09 -16.29 -7.40
C HIS A 21 1.08 -15.66 -8.33
N TYR A 22 2.27 -16.30 -8.36
CA TYR A 22 3.39 -15.89 -9.22
C TYR A 22 4.09 -17.25 -9.65
N LYS A 23 4.39 -17.33 -10.91
CA LYS A 23 4.91 -18.58 -11.55
C LYS A 23 3.99 -19.74 -11.19
N GLY A 24 2.69 -19.45 -11.19
CA GLY A 24 1.63 -20.45 -10.88
C GLY A 24 1.39 -20.74 -9.42
N GLU A 25 2.34 -20.35 -8.55
CA GLU A 25 2.44 -20.76 -7.15
C GLU A 25 1.90 -19.61 -6.23
N PRO A 26 1.15 -19.96 -5.20
CA PRO A 26 0.69 -18.90 -4.23
C PRO A 26 1.85 -18.15 -3.65
N VAL A 27 1.75 -16.84 -3.59
CA VAL A 27 2.66 -16.06 -2.77
C VAL A 27 2.38 -16.27 -1.31
N HIS A 28 3.43 -16.11 -0.51
CA HIS A 28 3.36 -16.51 0.88
C HIS A 28 2.22 -15.89 1.74
N VAL A 29 1.80 -14.66 1.43
CA VAL A 29 0.74 -14.05 2.22
C VAL A 29 -0.60 -14.82 2.12
N VAL A 30 -0.75 -15.56 1.02
CA VAL A 30 -1.93 -16.44 0.89
C VAL A 30 -1.99 -17.48 2.03
N TYR A 31 -0.83 -18.08 2.26
CA TYR A 31 -0.71 -19.07 3.35
C TYR A 31 -0.83 -18.47 4.75
N GLU A 32 -0.29 -17.26 4.93
CA GLU A 32 -0.49 -16.44 6.17
C GLU A 32 -1.95 -16.23 6.48
N LEU A 33 -2.70 -15.87 5.43
CA LEU A 33 -4.16 -15.63 5.56
C LEU A 33 -4.93 -16.90 5.80
N LEU A 34 -4.52 -18.00 5.14
CA LEU A 34 -5.19 -19.28 5.43
C LEU A 34 -4.98 -19.67 6.92
N GLY A 35 -3.79 -19.36 7.43
CA GLY A 35 -3.47 -19.67 8.81
C GLY A 35 -4.36 -18.91 9.78
N GLU A 36 -4.42 -17.60 9.60
CA GLU A 36 -5.23 -16.77 10.53
C GLU A 36 -6.74 -16.98 10.33
N CYS A 37 -7.15 -17.08 9.06
CA CYS A 37 -8.54 -17.24 8.75
C CYS A 37 -9.10 -18.61 9.10
N ARG A 38 -8.21 -19.61 9.27
CA ARG A 38 -8.61 -20.91 9.83
C ARG A 38 -9.15 -20.68 11.21
N LYS A 39 -8.48 -19.83 12.00
CA LYS A 39 -8.91 -19.58 13.31
C LYS A 39 -10.25 -18.88 13.35
N LEU A 40 -10.41 -17.89 12.45
CA LEU A 40 -11.65 -17.17 12.40
C LEU A 40 -12.86 -18.06 11.97
N ALA A 41 -12.61 -18.88 10.96
CA ALA A 41 -13.61 -19.86 10.45
C ALA A 41 -14.02 -20.79 11.56
N ASP A 42 -13.04 -21.24 12.33
CA ASP A 42 -13.41 -22.15 13.48
C ASP A 42 -14.25 -21.41 14.52
N LYS A 43 -13.97 -20.14 14.76
CA LYS A 43 -14.71 -19.31 15.77
C LYS A 43 -16.19 -19.21 15.37
N CYS A 44 -16.51 -19.21 14.09
CA CYS A 44 -17.86 -19.02 13.67
C CYS A 44 -18.46 -20.22 12.99
N ASN A 45 -17.78 -21.36 13.05
N ASN A 45 -17.78 -21.37 12.97
CA ASN A 45 -18.28 -22.61 12.43
CA ASN A 45 -18.38 -22.61 12.41
C ASN A 45 -18.77 -22.39 11.00
C ASN A 45 -18.67 -22.55 10.91
N GLN A 46 -17.87 -21.76 10.19
CA GLN A 46 -18.00 -21.66 8.74
C GLN A 46 -16.77 -22.27 8.10
N LYS A 47 -16.87 -22.53 6.79
CA LYS A 47 -15.74 -23.07 6.08
C LYS A 47 -14.76 -21.98 5.61
N LEU A 48 -13.54 -22.38 5.42
CA LEU A 48 -12.47 -21.53 4.87
C LEU A 48 -12.27 -21.95 3.46
N ALA A 49 -12.33 -21.02 2.53
CA ALA A 49 -12.16 -21.34 1.14
C ALA A 49 -10.96 -20.54 0.61
N ALA A 50 -10.30 -21.08 -0.41
CA ALA A 50 -9.32 -20.37 -1.15
C ALA A 50 -9.89 -20.15 -2.53
N VAL A 51 -9.62 -18.99 -3.16
CA VAL A 51 -10.16 -18.56 -4.45
C VAL A 51 -9.01 -18.42 -5.48
N LEU A 52 -8.97 -19.32 -6.48
CA LEU A 52 -7.87 -19.44 -7.40
C LEU A 52 -8.33 -19.13 -8.81
N ILE A 53 -7.87 -18.00 -9.30
CA ILE A 53 -8.15 -17.47 -10.60
C ILE A 53 -6.78 -17.55 -11.31
N THR A 54 -6.71 -18.42 -12.35
CA THR A 54 -5.39 -18.80 -12.86
C THR A 54 -5.50 -19.35 -14.32
N ASP A 55 -4.39 -19.34 -15.01
CA ASP A 55 -4.34 -20.08 -16.29
C ASP A 55 -4.16 -21.57 -16.11
N ASP A 56 -3.64 -22.02 -14.99
CA ASP A 56 -3.33 -23.45 -14.81
C ASP A 56 -3.18 -23.76 -13.32
N ALA A 57 -4.18 -24.45 -12.82
CA ALA A 57 -4.25 -24.78 -11.40
C ALA A 57 -3.12 -25.70 -10.92
N LYS A 58 -2.49 -26.44 -11.86
CA LYS A 58 -1.39 -27.36 -11.45
C LYS A 58 -1.86 -28.19 -10.25
N ASP A 59 -1.03 -28.35 -9.23
CA ASP A 59 -1.39 -29.06 -8.04
C ASP A 59 -1.59 -28.09 -6.86
N VAL A 60 -1.87 -26.84 -7.21
CA VAL A 60 -2.15 -25.81 -6.21
C VAL A 60 -3.31 -26.03 -5.27
N PRO A 61 -4.45 -26.54 -5.78
CA PRO A 61 -5.54 -26.76 -4.88
C PRO A 61 -5.13 -27.68 -3.73
N SER A 62 -4.38 -28.74 -4.03
N SER A 62 -4.37 -28.74 -3.98
CA SER A 62 -3.98 -29.64 -2.98
CA SER A 62 -4.02 -29.62 -2.87
C SER A 62 -3.10 -28.94 -1.95
C SER A 62 -3.07 -28.93 -1.88
N LYS A 63 -2.21 -28.04 -2.38
CA LYS A 63 -1.37 -27.31 -1.47
C LYS A 63 -2.19 -26.36 -0.53
N LEU A 64 -3.25 -25.77 -1.09
CA LEU A 64 -4.11 -24.83 -0.35
C LEU A 64 -4.87 -25.60 0.75
N ILE A 65 -5.44 -26.78 0.43
CA ILE A 65 -6.07 -27.63 1.39
C ILE A 65 -5.10 -28.07 2.50
N ALA A 66 -3.86 -28.45 2.13
CA ALA A 66 -2.90 -28.81 3.16
C ALA A 66 -2.53 -27.69 4.10
N ARG A 67 -2.70 -26.47 3.60
CA ARG A 67 -2.43 -25.26 4.38
C ARG A 67 -3.70 -24.62 5.06
N GLY A 68 -4.83 -25.28 5.00
CA GLY A 68 -5.98 -24.92 5.78
C GLY A 68 -7.31 -24.87 5.09
N ALA A 69 -7.35 -24.75 3.76
CA ALA A 69 -8.59 -24.55 3.04
C ALA A 69 -9.50 -25.77 3.06
N ASP A 70 -10.75 -25.58 3.33
CA ASP A 70 -11.73 -26.61 3.24
C ASP A 70 -12.21 -26.76 1.81
N LEU A 71 -12.24 -25.62 1.08
CA LEU A 71 -12.82 -25.51 -0.22
C LEU A 71 -11.82 -24.75 -1.05
N VAL A 72 -11.70 -25.16 -2.31
CA VAL A 72 -10.95 -24.34 -3.29
C VAL A 72 -11.78 -24.11 -4.51
N TYR A 73 -12.09 -22.87 -4.82
CA TYR A 73 -12.81 -22.50 -6.02
C TYR A 73 -11.79 -22.16 -7.07
N VAL A 74 -11.88 -22.81 -8.21
CA VAL A 74 -10.91 -22.64 -9.26
C VAL A 74 -11.63 -22.12 -10.49
N CYS A 75 -11.18 -21.01 -11.04
CA CYS A 75 -11.63 -20.47 -12.29
C CYS A 75 -10.42 -20.34 -13.22
N GLN A 76 -10.38 -21.14 -14.30
N GLN A 76 -10.30 -21.25 -14.22
CA GLN A 76 -9.20 -21.28 -15.11
CA GLN A 76 -9.14 -21.33 -15.13
C GLN A 76 -9.46 -20.81 -16.51
C GLN A 76 -9.50 -20.74 -16.48
N ASP A 77 -8.60 -19.93 -17.01
CA ASP A 77 -8.69 -19.36 -18.37
C ASP A 77 -7.34 -18.85 -18.75
N PRO A 78 -6.93 -18.93 -20.04
CA PRO A 78 -5.61 -18.41 -20.38
C PRO A 78 -5.42 -16.95 -20.03
N ALA A 79 -6.51 -16.20 -20.00
CA ALA A 79 -6.47 -14.75 -19.78
C ALA A 79 -5.94 -14.45 -18.35
N PHE A 80 -5.92 -15.44 -17.48
CA PHE A 80 -5.57 -15.25 -16.03
C PHE A 80 -4.14 -15.52 -15.73
N LYS A 81 -3.31 -15.68 -16.75
CA LYS A 81 -1.92 -15.94 -16.54
C LYS A 81 -1.26 -14.92 -15.62
N TYR A 82 -1.53 -13.66 -15.91
CA TYR A 82 -1.02 -12.56 -15.12
C TYR A 82 -2.21 -11.79 -14.48
N TYR A 83 -1.91 -11.16 -13.33
CA TYR A 83 -2.96 -10.34 -12.65
C TYR A 83 -3.38 -9.23 -13.58
N SER A 84 -4.69 -9.01 -13.69
CA SER A 84 -5.21 -7.83 -14.26
C SER A 84 -6.47 -7.43 -13.55
N THR A 85 -6.63 -6.13 -13.38
CA THR A 85 -7.79 -5.62 -12.64
C THR A 85 -9.09 -6.12 -13.33
N ASP A 86 -9.18 -5.89 -14.66
CA ASP A 86 -10.43 -6.19 -15.30
C ASP A 86 -10.78 -7.70 -15.25
N GLU A 87 -9.77 -8.54 -15.57
CA GLU A 87 -10.07 -9.97 -15.59
C GLU A 87 -10.37 -10.55 -14.25
N TYR A 88 -9.52 -10.18 -13.29
CA TYR A 88 -9.63 -10.75 -11.98
C TYR A 88 -10.85 -10.23 -11.19
N THR A 89 -11.25 -8.96 -11.37
CA THR A 89 -12.42 -8.41 -10.70
C THR A 89 -13.68 -9.10 -11.21
N ASN A 90 -13.72 -9.30 -12.53
CA ASN A 90 -14.84 -10.01 -13.07
C ASN A 90 -15.02 -11.41 -12.55
N ALA A 91 -13.95 -12.17 -12.61
CA ALA A 91 -13.97 -13.57 -12.15
C ALA A 91 -14.40 -13.63 -10.68
N PHE A 92 -13.75 -12.82 -9.80
CA PHE A 92 -14.01 -12.89 -8.42
C PHE A 92 -15.46 -12.50 -8.13
N CYS A 93 -15.94 -11.44 -8.75
CA CYS A 93 -17.29 -11.00 -8.51
C CYS A 93 -18.31 -12.01 -9.03
N GLU A 94 -18.04 -12.64 -10.14
CA GLU A 94 -18.93 -13.78 -10.59
C GLU A 94 -19.02 -14.87 -9.50
N MET A 95 -17.90 -15.25 -8.85
CA MET A 95 -17.92 -16.26 -7.84
C MET A 95 -18.63 -15.82 -6.57
N ILE A 96 -18.41 -14.56 -6.15
CA ILE A 96 -19.12 -14.00 -4.99
C ILE A 96 -20.63 -14.09 -5.28
N ASP A 97 -21.04 -13.70 -6.46
CA ASP A 97 -22.47 -13.74 -6.82
C ASP A 97 -23.02 -15.15 -6.78
N GLU A 98 -22.26 -16.08 -7.34
CA GLU A 98 -22.71 -17.52 -7.38
C GLU A 98 -22.79 -18.15 -6.04
N TYR A 99 -21.76 -17.98 -5.21
CA TYR A 99 -21.62 -18.76 -4.02
C TYR A 99 -21.83 -18.03 -2.67
N GLN A 100 -21.86 -16.68 -2.66
CA GLN A 100 -22.30 -15.87 -1.48
C GLN A 100 -21.52 -16.10 -0.20
N PRO A 101 -20.20 -15.76 -0.23
CA PRO A 101 -19.40 -15.77 1.02
C PRO A 101 -19.79 -14.72 2.03
N SER A 102 -19.50 -14.98 3.28
CA SER A 102 -19.70 -14.04 4.38
C SER A 102 -18.57 -12.97 4.40
N SER A 103 -17.34 -13.41 4.12
CA SER A 103 -16.19 -12.45 4.22
C SER A 103 -15.16 -12.88 3.23
N VAL A 104 -14.38 -11.89 2.79
CA VAL A 104 -13.28 -12.07 1.86
C VAL A 104 -12.04 -11.33 2.37
N PHE A 105 -10.91 -12.00 2.26
CA PHE A 105 -9.60 -11.55 2.70
C PHE A 105 -8.64 -11.61 1.62
N ILE A 106 -7.96 -10.45 1.33
CA ILE A 106 -7.05 -10.30 0.26
C ILE A 106 -5.75 -9.82 0.87
N GLY A 107 -4.61 -10.45 0.54
CA GLY A 107 -3.33 -9.93 0.96
C GLY A 107 -3.08 -8.55 0.40
N ALA A 108 -2.62 -7.65 1.24
CA ALA A 108 -2.47 -6.22 0.87
C ALA A 108 -1.10 -5.98 0.16
N THR A 109 -0.92 -6.80 -0.86
CA THR A 109 0.21 -6.66 -1.76
C THR A 109 -0.14 -5.50 -2.71
N ASN A 110 0.81 -5.18 -3.58
CA ASN A 110 0.56 -4.16 -4.55
C ASN A 110 -0.64 -4.47 -5.37
N ASP A 111 -0.78 -5.69 -5.87
CA ASP A 111 -1.90 -6.03 -6.68
C ASP A 111 -3.18 -6.27 -5.86
N GLY A 112 -3.06 -6.78 -4.63
CA GLY A 112 -4.20 -6.96 -3.79
C GLY A 112 -4.82 -5.61 -3.44
N ARG A 113 -4.02 -4.53 -3.26
CA ARG A 113 -4.55 -3.24 -2.96
C ARG A 113 -5.27 -2.57 -4.16
N ASP A 114 -5.00 -3.11 -5.34
CA ASP A 114 -5.68 -2.75 -6.59
C ASP A 114 -6.97 -3.49 -6.77
N LEU A 115 -7.00 -4.76 -6.48
CA LEU A 115 -8.09 -5.67 -6.70
C LEU A 115 -9.20 -5.42 -5.66
N GLY A 116 -8.80 -5.33 -4.38
CA GLY A 116 -9.79 -5.30 -3.33
C GLY A 116 -10.85 -4.22 -3.52
N PRO A 117 -10.42 -2.92 -3.69
CA PRO A 117 -11.42 -1.82 -3.83
C PRO A 117 -12.24 -1.94 -5.10
N ARG A 118 -11.66 -2.54 -6.15
CA ARG A 118 -12.46 -2.73 -7.37
C ARG A 118 -13.61 -3.70 -7.09
N ILE A 119 -13.31 -4.80 -6.45
CA ILE A 119 -14.36 -5.77 -6.09
C ILE A 119 -15.38 -5.14 -5.15
N ALA A 120 -14.93 -4.46 -4.11
CA ALA A 120 -15.81 -3.86 -3.14
C ALA A 120 -16.81 -2.86 -3.74
N ALA A 121 -16.33 -2.05 -4.70
CA ALA A 121 -17.19 -1.08 -5.33
C ALA A 121 -18.17 -1.81 -6.27
N ARG A 122 -17.69 -2.87 -6.91
CA ARG A 122 -18.58 -3.55 -7.93
C ARG A 122 -19.71 -4.23 -7.17
N VAL A 123 -19.45 -4.83 -6.06
CA VAL A 123 -20.46 -5.58 -5.21
C VAL A 123 -21.28 -4.58 -4.35
N ASN A 124 -20.66 -3.41 -4.03
CA ASN A 124 -21.21 -2.39 -3.19
C ASN A 124 -21.20 -2.84 -1.72
N THR A 125 -20.00 -3.13 -1.25
CA THR A 125 -19.81 -3.55 0.09
C THR A 125 -18.62 -2.84 0.78
N GLY A 126 -18.40 -3.17 2.01
CA GLY A 126 -17.36 -2.59 2.87
C GLY A 126 -16.01 -3.24 2.71
N LEU A 127 -14.98 -2.41 2.81
CA LEU A 127 -13.60 -2.87 2.64
C LEU A 127 -12.72 -2.07 3.60
N CYS A 128 -12.04 -2.86 4.47
CA CYS A 128 -11.03 -2.35 5.51
C CYS A 128 -9.65 -2.63 5.00
N ALA A 129 -8.76 -1.65 5.01
CA ALA A 129 -7.47 -1.76 4.34
C ALA A 129 -6.30 -2.24 5.20
N ASP A 130 -5.44 -3.05 4.61
CA ASP A 130 -4.09 -3.30 5.18
C ASP A 130 -4.21 -3.56 6.69
N CYS A 131 -5.07 -4.52 7.07
CA CYS A 131 -5.39 -4.79 8.46
C CYS A 131 -4.31 -5.66 9.13
N THR A 132 -4.10 -5.44 10.44
CA THR A 132 -3.08 -6.13 11.18
C THR A 132 -3.58 -6.96 12.35
N ILE A 133 -4.81 -6.80 12.73
CA ILE A 133 -5.43 -7.62 13.82
C ILE A 133 -6.83 -8.00 13.30
N LEU A 134 -7.21 -9.27 13.44
CA LEU A 134 -8.52 -9.73 13.02
C LEU A 134 -9.19 -10.60 14.13
N ASP A 135 -10.50 -10.52 14.22
CA ASP A 135 -11.30 -11.31 15.15
C ASP A 135 -12.67 -11.59 14.58
N ALA A 136 -13.41 -12.57 15.09
CA ALA A 136 -14.70 -12.91 14.54
C ALA A 136 -15.64 -13.29 15.66
N GLU A 137 -16.88 -12.83 15.57
N GLU A 137 -16.87 -12.82 15.54
CA GLU A 137 -17.96 -13.27 16.45
CA GLU A 137 -17.99 -13.21 16.41
C GLU A 137 -18.46 -14.62 15.96
C GLU A 137 -18.54 -14.57 15.93
N GLU A 138 -19.23 -15.28 16.80
CA GLU A 138 -19.83 -16.58 16.45
C GLU A 138 -20.76 -16.58 15.27
N ASP A 139 -21.33 -15.44 14.98
CA ASP A 139 -22.17 -15.31 13.82
C ASP A 139 -21.43 -14.96 12.53
N GLY A 140 -20.15 -14.83 12.61
CA GLY A 140 -19.41 -14.60 11.43
C GLY A 140 -19.10 -13.12 11.17
N LEU A 141 -19.55 -12.24 12.05
CA LEU A 141 -19.21 -10.79 11.88
C LEU A 141 -17.71 -10.67 12.17
N ILE A 142 -16.97 -10.17 11.19
CA ILE A 142 -15.56 -9.93 11.34
C ILE A 142 -15.25 -8.53 11.94
N GLU A 143 -14.33 -8.54 12.89
CA GLU A 143 -13.82 -7.31 13.50
C GLU A 143 -12.44 -6.98 12.95
N TRP A 144 -12.39 -5.89 12.17
CA TRP A 144 -11.22 -5.52 11.39
C TRP A 144 -10.45 -4.45 12.16
N THR A 145 -9.18 -4.71 12.46
CA THR A 145 -8.37 -3.77 13.18
C THR A 145 -7.13 -3.42 12.31
N ARG A 146 -6.91 -2.14 12.09
CA ARG A 146 -5.89 -1.64 11.19
C ARG A 146 -5.22 -0.39 11.67
N PRO A 147 -3.97 -0.23 11.24
CA PRO A 147 -3.33 1.07 11.46
C PRO A 147 -3.74 2.16 10.45
N ALA A 148 -3.82 3.38 10.87
CA ALA A 148 -4.12 4.49 10.01
C ALA A 148 -3.20 5.66 10.38
N ALA A 149 -3.27 6.80 9.71
CA ALA A 149 -2.47 7.97 10.08
C ALA A 149 -1.02 7.61 10.21
N GLY A 150 -0.45 6.91 9.25
CA GLY A 150 1.00 6.57 9.24
C GLY A 150 1.41 5.66 10.33
N GLY A 151 0.49 4.88 10.88
CA GLY A 151 0.72 3.99 11.99
C GLY A 151 0.50 4.62 13.34
N ASN A 152 0.03 5.83 13.41
CA ASN A 152 -0.17 6.56 14.69
C ASN A 152 -1.46 6.34 15.30
N ILE A 153 -2.45 5.81 14.56
CA ILE A 153 -3.81 5.55 15.07
C ILE A 153 -4.14 4.09 14.68
N MET A 154 -4.78 3.33 15.57
CA MET A 154 -5.42 2.07 15.27
C MET A 154 -6.89 2.28 15.28
N ALA A 155 -7.55 1.63 14.31
CA ALA A 155 -9.01 1.64 14.18
C ALA A 155 -9.57 0.26 14.18
N THR A 156 -10.69 0.09 14.85
CA THR A 156 -11.46 -1.18 14.78
C THR A 156 -12.74 -0.87 14.12
N ILE A 157 -13.09 -1.65 13.07
CA ILE A 157 -14.12 -1.32 12.08
C ILE A 157 -15.02 -2.55 11.83
N LEU A 158 -16.31 -2.28 11.63
CA LEU A 158 -17.25 -3.34 11.33
C LEU A 158 -17.90 -3.03 9.99
N CYS A 159 -18.27 -4.10 9.26
CA CYS A 159 -19.15 -4.02 8.11
C CYS A 159 -20.46 -4.78 8.43
N LYS A 160 -21.38 -4.14 9.12
CA LYS A 160 -22.43 -4.88 9.77
C LYS A 160 -23.48 -5.47 8.88
N GLU A 161 -23.84 -4.75 7.83
CA GLU A 161 -25.05 -5.08 7.05
C GLU A 161 -24.77 -5.42 5.59
N HIS A 162 -23.60 -5.12 5.02
CA HIS A 162 -23.30 -5.45 3.67
C HIS A 162 -22.39 -6.68 3.60
N ARG A 163 -22.52 -7.43 2.49
CA ARG A 163 -21.79 -8.61 2.29
C ARG A 163 -21.27 -8.74 0.85
N PRO A 164 -20.15 -9.47 0.66
CA PRO A 164 -19.28 -10.00 1.79
C PRO A 164 -18.56 -8.88 2.53
N GLN A 165 -18.21 -9.21 3.76
CA GLN A 165 -17.39 -8.28 4.56
C GLN A 165 -15.97 -8.41 3.99
N MET A 166 -15.35 -7.33 3.55
CA MET A 166 -14.04 -7.46 2.92
C MET A 166 -12.94 -6.72 3.65
N GLY A 167 -11.71 -7.31 3.51
CA GLY A 167 -10.57 -6.61 3.94
C GLY A 167 -9.33 -7.00 3.24
N THR A 168 -8.41 -6.06 3.07
CA THR A 168 -7.04 -6.41 2.70
C THR A 168 -6.21 -6.48 3.99
N VAL A 169 -5.25 -7.35 3.95
CA VAL A 169 -4.59 -7.79 5.17
C VAL A 169 -3.07 -7.69 4.98
N ARG A 170 -2.39 -7.04 5.91
CA ARG A 170 -0.96 -6.79 5.77
C ARG A 170 -0.11 -8.04 5.70
N PRO A 171 0.73 -8.18 4.71
CA PRO A 171 1.63 -9.32 4.70
C PRO A 171 2.57 -9.35 5.84
N LYS A 172 3.08 -10.55 6.13
CA LYS A 172 4.11 -10.72 7.12
C LYS A 172 3.64 -10.36 8.52
N THR A 173 2.32 -10.45 8.75
CA THR A 173 1.71 -10.20 10.05
C THR A 173 1.34 -11.50 10.75
N PHE A 174 0.71 -12.36 10.02
CA PHE A 174 0.16 -13.64 10.52
C PHE A 174 1.02 -14.82 10.04
N LYS A 175 0.95 -15.89 10.84
CA LYS A 175 1.71 -17.13 10.59
C LYS A 175 0.91 -18.15 9.79
N ALA A 176 1.50 -18.67 8.74
CA ALA A 176 0.94 -19.81 8.04
C ALA A 176 0.88 -21.07 8.90
N MET A 177 -0.02 -21.97 8.59
CA MET A 177 0.04 -23.30 9.25
C MET A 177 1.10 -24.15 8.56
N GLU A 178 1.74 -25.09 9.29
CA GLU A 178 2.49 -26.15 8.64
C GLU A 178 1.61 -26.95 7.72
N PRO A 179 2.08 -27.33 6.54
CA PRO A 179 1.24 -28.15 5.66
C PRO A 179 0.89 -29.48 6.31
N ASP A 180 -0.37 -29.91 6.12
CA ASP A 180 -0.92 -31.11 6.79
C ASP A 180 -1.50 -32.01 5.72
N ALA A 181 -0.78 -33.08 5.36
CA ALA A 181 -1.24 -33.93 4.29
C ALA A 181 -2.43 -34.76 4.62
N SER A 182 -2.83 -34.79 5.88
N SER A 182 -2.79 -34.80 5.90
CA SER A 182 -4.08 -35.47 6.24
CA SER A 182 -4.05 -35.45 6.36
C SER A 182 -5.35 -34.71 5.89
C SER A 182 -5.35 -34.65 6.18
N ARG A 183 -5.25 -33.38 5.81
CA ARG A 183 -6.41 -32.56 5.54
C ARG A 183 -7.13 -33.00 4.27
N THR A 184 -8.42 -32.84 4.26
CA THR A 184 -9.20 -33.08 3.10
C THR A 184 -10.00 -31.79 2.84
N GLY A 185 -10.38 -31.63 1.58
CA GLY A 185 -11.24 -30.54 1.15
C GLY A 185 -11.75 -30.81 -0.25
N GLU A 186 -12.50 -29.90 -0.82
CA GLU A 186 -13.24 -30.08 -2.04
C GLU A 186 -12.84 -28.98 -2.98
N VAL A 187 -12.56 -29.35 -4.21
CA VAL A 187 -12.26 -28.43 -5.26
C VAL A 187 -13.51 -28.20 -6.09
N ILE A 188 -13.86 -26.93 -6.35
CA ILE A 188 -15.07 -26.57 -7.06
C ILE A 188 -14.56 -25.81 -8.28
N ASN A 189 -14.85 -26.34 -9.46
CA ASN A 189 -14.52 -25.71 -10.69
C ASN A 189 -15.66 -24.82 -11.12
N TYR A 190 -15.31 -23.56 -11.29
CA TYR A 190 -16.24 -22.53 -11.61
C TYR A 190 -16.00 -22.07 -13.01
N THR A 191 -17.07 -22.15 -13.82
CA THR A 191 -17.04 -21.68 -15.22
C THR A 191 -17.50 -20.24 -15.40
N LEU A 192 -16.63 -19.43 -16.04
CA LEU A 192 -16.99 -18.03 -16.26
C LEU A 192 -18.27 -17.90 -17.09
N LYS A 193 -19.21 -17.06 -16.65
CA LYS A 193 -20.37 -16.69 -17.47
C LYS A 193 -20.09 -15.69 -18.54
N ASN A 194 -19.36 -14.61 -18.21
CA ASN A 194 -19.04 -13.57 -19.16
C ASN A 194 -17.62 -13.34 -19.31
N HIS A 195 -17.12 -13.45 -20.49
CA HIS A 195 -15.78 -13.10 -20.75
C HIS A 195 -15.68 -11.60 -20.94
N VAL A 196 -14.53 -11.06 -20.58
CA VAL A 196 -14.26 -9.63 -20.80
C VAL A 196 -13.01 -9.43 -21.64
N ASP A 197 -12.89 -8.22 -22.17
CA ASP A 197 -11.75 -7.78 -22.85
C ASP A 197 -11.02 -6.88 -21.83
N ASP A 198 -9.79 -7.21 -21.52
CA ASP A 198 -9.00 -6.33 -20.61
C ASP A 198 -8.67 -5.03 -21.31
N ARG A 199 -9.02 -3.92 -20.69
CA ARG A 199 -8.83 -2.61 -21.28
C ARG A 199 -7.41 -2.12 -21.07
N VAL A 200 -6.65 -2.80 -20.25
CA VAL A 200 -5.36 -2.34 -19.92
C VAL A 200 -4.36 -3.35 -20.51
N THR A 201 -3.49 -2.84 -21.35
CA THR A 201 -2.48 -3.67 -22.02
C THR A 201 -1.13 -3.56 -21.39
N CYS A 202 -0.50 -4.68 -21.13
CA CYS A 202 0.84 -4.68 -20.62
C CYS A 202 1.82 -4.65 -21.77
N ILE A 203 2.65 -3.59 -21.89
CA ILE A 203 3.67 -3.49 -22.94
C ILE A 203 5.07 -3.79 -22.44
N ARG A 204 5.25 -4.02 -21.16
CA ARG A 204 6.54 -4.29 -20.57
C ARG A 204 6.31 -4.98 -19.27
N ARG A 205 6.96 -6.11 -19.07
CA ARG A 205 6.86 -6.92 -17.89
C ARG A 205 8.18 -7.56 -17.60
N GLU A 206 9.00 -6.98 -16.71
CA GLU A 206 10.36 -7.46 -16.49
C GLU A 206 10.50 -7.93 -15.05
N GLU A 207 11.07 -9.13 -14.79
CA GLU A 207 11.42 -9.60 -13.45
C GLU A 207 12.45 -8.67 -12.77
N VAL A 208 12.20 -8.24 -11.53
CA VAL A 208 13.13 -7.31 -10.86
C VAL A 208 14.35 -7.99 -10.27
N VAL A 209 14.33 -9.32 -10.13
CA VAL A 209 15.53 -10.01 -9.63
C VAL A 209 15.87 -11.13 -10.61
N SER A 210 17.17 -11.32 -10.84
CA SER A 210 17.65 -12.33 -11.81
C SER A 210 17.64 -13.74 -11.30
N GLU A 211 17.91 -14.63 -12.24
CA GLU A 211 18.18 -16.03 -11.98
C GLU A 211 18.95 -16.22 -10.68
N GLY A 212 18.32 -16.91 -9.73
CA GLY A 212 18.97 -17.41 -8.51
C GLY A 212 19.68 -16.34 -7.72
N GLU A 213 19.03 -15.18 -7.62
CA GLU A 213 19.53 -14.08 -6.82
C GLU A 213 18.48 -13.74 -5.79
N MET A 214 18.92 -13.01 -4.76
CA MET A 214 18.07 -12.67 -3.63
C MET A 214 17.45 -11.24 -3.70
N ALA A 215 16.14 -11.27 -3.63
CA ALA A 215 15.33 -10.05 -3.60
C ALA A 215 15.25 -9.61 -2.17
N ILE A 216 15.01 -8.31 -1.94
CA ILE A 216 14.85 -7.88 -0.60
C ILE A 216 13.58 -8.40 0.04
N ASP A 217 12.54 -8.76 -0.74
CA ASP A 217 11.22 -9.02 -0.23
C ASP A 217 11.16 -10.13 0.80
N ASP A 218 12.05 -11.10 0.64
CA ASP A 218 12.11 -12.26 1.52
C ASP A 218 13.46 -12.53 2.12
N ALA A 219 14.40 -11.62 2.01
CA ALA A 219 15.76 -11.85 2.49
C ALA A 219 15.78 -11.88 4.00
N PRO A 220 16.62 -12.77 4.62
CA PRO A 220 16.68 -12.76 6.06
C PRO A 220 17.52 -11.61 6.65
N PHE A 221 18.31 -10.95 5.80
CA PHE A 221 19.14 -9.78 6.19
C PHE A 221 18.99 -8.80 5.02
N VAL A 222 18.73 -7.54 5.39
CA VAL A 222 18.69 -6.44 4.37
C VAL A 222 19.78 -5.46 4.75
N CYS A 223 20.66 -5.24 3.77
CA CYS A 223 21.82 -4.33 3.91
C CYS A 223 21.40 -3.09 3.05
N SER A 224 21.00 -2.02 3.77
N SER A 224 20.97 -2.01 3.71
CA SER A 224 20.37 -0.89 3.10
CA SER A 224 20.42 -0.90 2.98
C SER A 224 21.19 0.41 3.14
C SER A 224 21.30 0.31 3.06
N GLY A 225 21.22 1.12 1.99
CA GLY A 225 21.92 2.38 1.91
C GLY A 225 21.06 3.55 1.58
N GLY A 226 21.42 4.70 2.13
CA GLY A 226 20.72 5.97 1.76
C GLY A 226 21.66 6.94 1.23
N ARG A 227 21.20 8.17 1.33
CA ARG A 227 22.02 9.33 0.78
C ARG A 227 23.43 9.32 1.37
N GLY A 228 23.64 8.85 2.61
CA GLY A 228 24.94 8.84 3.20
C GLY A 228 25.94 7.85 2.69
N MET A 229 25.53 7.00 1.73
CA MET A 229 26.41 6.09 1.03
C MET A 229 27.27 6.86 0.02
N LYS A 230 26.82 8.06 -0.27
CA LYS A 230 27.65 9.11 -1.03
C LYS A 230 27.83 8.90 -2.54
N ALA A 231 27.84 7.67 -3.01
CA ALA A 231 28.02 7.33 -4.40
C ALA A 231 27.54 5.96 -4.72
N LYS A 232 27.09 5.72 -5.96
CA LYS A 232 26.58 4.43 -6.42
C LYS A 232 27.65 3.36 -6.20
N GLU A 233 28.92 3.67 -6.46
CA GLU A 233 29.96 2.64 -6.38
C GLU A 233 30.16 2.11 -4.97
N ASN A 234 29.84 2.92 -3.96
CA ASN A 234 29.95 2.52 -2.56
C ASN A 234 28.93 1.46 -2.20
N PHE A 235 27.92 1.25 -3.02
CA PHE A 235 26.94 0.18 -2.73
C PHE A 235 27.60 -1.18 -2.83
N SER A 236 28.74 -1.27 -3.52
CA SER A 236 29.50 -2.50 -3.44
C SER A 236 29.80 -3.00 -2.02
N LEU A 237 29.96 -2.07 -1.10
CA LEU A 237 30.19 -2.39 0.25
C LEU A 237 28.97 -3.10 0.85
N LEU A 238 27.76 -2.70 0.47
CA LEU A 238 26.59 -3.38 0.95
C LEU A 238 26.38 -4.69 0.28
N TYR A 239 26.79 -4.85 -0.95
CA TYR A 239 26.71 -6.15 -1.62
C TYR A 239 27.66 -7.11 -0.95
N ASP A 240 28.81 -6.60 -0.55
CA ASP A 240 29.76 -7.49 0.19
C ASP A 240 29.18 -7.96 1.52
N LEU A 241 28.62 -7.05 2.28
CA LEU A 241 27.99 -7.39 3.51
C LEU A 241 26.87 -8.40 3.29
N ALA A 242 26.01 -8.15 2.35
CA ALA A 242 24.90 -9.03 2.05
C ALA A 242 25.37 -10.43 1.66
N HIS A 243 26.45 -10.49 0.90
CA HIS A 243 27.01 -11.78 0.52
C HIS A 243 27.52 -12.55 1.73
N ALA A 244 28.21 -11.88 2.64
CA ALA A 244 28.73 -12.47 3.87
C ALA A 244 27.60 -13.10 4.70
N LEU A 245 26.45 -12.42 4.73
CA LEU A 245 25.36 -12.89 5.56
C LEU A 245 24.38 -13.76 4.88
N GLY A 246 24.35 -13.78 3.55
CA GLY A 246 23.28 -14.33 2.82
C GLY A 246 22.00 -13.53 2.80
N GLY A 247 22.19 -12.22 2.70
CA GLY A 247 21.05 -11.29 2.56
C GLY A 247 21.00 -10.57 1.23
N ALA A 248 20.29 -9.44 1.25
CA ALA A 248 20.04 -8.68 0.02
C ALA A 248 20.32 -7.19 0.31
N VAL A 249 20.42 -6.42 -0.78
CA VAL A 249 20.66 -4.97 -0.71
C VAL A 249 19.46 -4.12 -1.02
N GLY A 250 19.16 -3.19 -0.15
CA GLY A 250 18.05 -2.24 -0.32
C GLY A 250 18.58 -0.82 -0.20
N GLY A 251 17.63 0.09 -0.32
CA GLY A 251 17.97 1.48 -0.13
C GLY A 251 16.78 2.34 0.12
N SER A 252 17.09 3.58 0.42
CA SER A 252 16.04 4.59 0.65
C SER A 252 15.54 5.16 -0.67
N ARG A 253 14.50 5.94 -0.55
CA ARG A 253 13.96 6.67 -1.72
C ARG A 253 14.98 7.73 -2.14
N ALA A 254 15.75 8.30 -1.21
CA ALA A 254 16.79 9.24 -1.58
C ALA A 254 17.83 8.56 -2.38
N ALA A 255 18.19 7.31 -2.01
CA ALA A 255 19.17 6.52 -2.79
C ALA A 255 18.68 6.28 -4.21
N VAL A 256 17.39 6.05 -4.38
CA VAL A 256 16.77 5.87 -5.72
C VAL A 256 16.94 7.19 -6.48
N ASP A 257 16.58 8.30 -5.85
CA ASP A 257 16.62 9.63 -6.51
C ASP A 257 18.05 10.01 -6.90
N GLU A 258 19.07 9.60 -6.15
CA GLU A 258 20.47 9.95 -6.49
C GLU A 258 21.08 9.02 -7.51
N GLY A 259 20.36 7.97 -7.90
CA GLY A 259 20.77 6.99 -8.90
C GLY A 259 21.54 5.84 -8.33
N PHE A 260 21.57 5.72 -6.99
CA PHE A 260 22.37 4.68 -6.36
C PHE A 260 21.83 3.25 -6.51
N ILE A 261 20.52 3.18 -6.51
CA ILE A 261 19.76 1.95 -6.65
C ILE A 261 18.50 2.21 -7.44
N GLU A 262 17.93 1.09 -7.95
CA GLU A 262 16.69 1.07 -8.67
C GLU A 262 15.51 0.93 -7.71
N HIS A 263 14.37 1.34 -8.18
CA HIS A 263 13.15 1.40 -7.45
C HIS A 263 12.75 0.06 -6.75
N PRO A 264 12.98 -1.09 -7.40
CA PRO A 264 12.58 -2.32 -6.73
C PRO A 264 13.35 -2.68 -5.47
N ARG A 265 14.41 -1.93 -5.20
CA ARG A 265 15.18 -2.09 -3.93
C ARG A 265 14.81 -1.09 -2.87
N GLN A 266 13.88 -0.18 -3.18
CA GLN A 266 13.43 0.87 -2.26
C GLN A 266 12.59 0.27 -1.16
N VAL A 267 13.02 0.59 0.04
CA VAL A 267 12.30 0.31 1.25
C VAL A 267 11.54 1.55 1.75
N GLY A 268 10.28 1.35 2.19
CA GLY A 268 9.50 2.40 2.82
C GLY A 268 8.05 2.39 2.36
N GLN A 269 7.27 3.37 2.82
CA GLN A 269 5.85 3.34 2.51
C GLN A 269 5.45 3.33 1.06
N SER A 270 6.29 3.90 0.20
CA SER A 270 6.14 3.89 -1.26
C SER A 270 6.87 2.80 -2.00
N GLY A 271 7.57 1.98 -1.25
CA GLY A 271 8.32 0.89 -1.70
C GLY A 271 7.89 -0.40 -1.03
N LYS A 272 8.91 -1.18 -0.60
CA LYS A 272 8.72 -2.47 0.04
C LYS A 272 8.76 -2.32 1.52
N THR A 273 7.96 -3.15 2.19
CA THR A 273 8.04 -3.36 3.62
C THR A 273 8.67 -4.72 3.88
N VAL A 274 9.76 -4.67 4.67
CA VAL A 274 10.60 -5.84 4.94
C VAL A 274 10.60 -6.08 6.45
N THR A 275 10.73 -7.38 6.83
CA THR A 275 10.86 -7.76 8.24
C THR A 275 11.98 -8.75 8.45
N PRO A 276 13.20 -8.43 7.96
CA PRO A 276 14.34 -9.35 8.12
C PRO A 276 14.76 -9.56 9.57
N LYS A 277 15.60 -10.58 9.73
CA LYS A 277 16.22 -10.78 11.07
C LYS A 277 17.07 -9.58 11.44
N ILE A 278 17.78 -9.04 10.48
CA ILE A 278 18.59 -7.84 10.70
C ILE A 278 18.41 -6.88 9.48
N TYR A 279 18.14 -5.65 9.87
CA TYR A 279 18.17 -4.55 8.88
C TYR A 279 19.38 -3.70 9.27
N PHE A 280 20.34 -3.60 8.34
CA PHE A 280 21.47 -2.67 8.49
C PHE A 280 21.10 -1.36 7.71
N ALA A 281 20.92 -0.28 8.46
CA ALA A 281 20.53 1.05 7.91
C ALA A 281 21.84 1.89 7.89
N CYS A 282 22.35 2.10 6.70
CA CYS A 282 23.66 2.69 6.50
C CYS A 282 23.46 4.03 5.71
N GLY A 283 23.78 5.14 6.34
CA GLY A 283 23.59 6.43 5.72
C GLY A 283 22.15 6.74 5.44
N ILE A 284 21.24 6.28 6.34
CA ILE A 284 19.79 6.47 6.23
C ILE A 284 19.36 7.23 7.48
N SER A 285 18.77 8.42 7.36
CA SER A 285 18.41 9.23 8.51
C SER A 285 17.38 8.58 9.41
N GLY A 286 16.43 7.89 8.81
CA GLY A 286 15.24 7.39 9.49
C GLY A 286 14.02 8.29 9.45
N SER A 287 13.75 8.81 8.26
CA SER A 287 12.47 9.46 8.02
C SER A 287 11.33 8.52 8.35
N VAL A 288 10.15 9.09 8.69
CA VAL A 288 9.03 8.24 9.01
C VAL A 288 8.61 7.41 7.78
N GLN A 289 8.77 7.94 6.58
CA GLN A 289 8.39 7.24 5.39
C GLN A 289 9.29 6.02 5.08
N HIS A 290 10.55 6.09 5.46
CA HIS A 290 11.46 4.94 5.36
C HIS A 290 11.17 3.94 6.48
N LYS A 291 11.06 4.44 7.72
CA LYS A 291 10.71 3.58 8.86
C LYS A 291 9.46 2.73 8.66
N ALA A 292 8.49 3.31 7.97
CA ALA A 292 7.27 2.54 7.66
C ALA A 292 7.54 1.25 6.98
N GLY A 293 8.65 1.11 6.22
CA GLY A 293 8.95 -0.09 5.56
C GLY A 293 9.86 -1.12 6.28
N MET A 294 10.41 -0.71 7.44
CA MET A 294 11.34 -1.60 8.06
C MET A 294 11.32 -1.64 9.58
N SER A 295 10.40 -0.96 10.20
CA SER A 295 10.45 -0.81 11.66
C SER A 295 10.09 -2.11 12.42
N LYS A 296 9.61 -3.12 11.71
CA LYS A 296 9.28 -4.41 12.33
C LYS A 296 10.34 -5.40 12.07
N SER A 297 11.49 -5.02 11.47
CA SER A 297 12.65 -5.89 11.42
C SER A 297 13.01 -6.36 12.86
N ASP A 298 13.56 -7.56 12.98
CA ASP A 298 13.73 -8.13 14.33
C ASP A 298 14.78 -7.33 15.07
N THR A 299 15.88 -7.05 14.34
CA THR A 299 16.97 -6.22 14.85
C THR A 299 17.33 -5.14 13.82
N ILE A 300 17.50 -3.91 14.24
CA ILE A 300 18.02 -2.84 13.37
C ILE A 300 19.37 -2.42 13.93
N VAL A 301 20.31 -2.37 13.01
CA VAL A 301 21.72 -1.93 13.20
C VAL A 301 21.86 -0.64 12.41
N CYS A 302 22.12 0.46 13.07
CA CYS A 302 22.24 1.73 12.38
C CYS A 302 23.75 2.13 12.32
N ILE A 303 24.17 2.54 11.12
CA ILE A 303 25.59 3.03 10.83
C ILE A 303 25.35 4.40 10.19
N ASN A 304 25.64 5.44 10.96
CA ASN A 304 25.33 6.82 10.58
C ASN A 304 26.35 7.78 11.20
N LYS A 305 26.75 8.85 10.46
CA LYS A 305 27.63 9.84 11.04
C LYS A 305 26.99 10.76 12.07
N ASP A 306 25.69 10.91 12.07
CA ASP A 306 24.94 11.84 12.87
C ASP A 306 24.39 11.08 14.10
N PRO A 307 24.94 11.32 15.30
CA PRO A 307 24.38 10.67 16.50
C PRO A 307 22.94 10.96 16.77
N ASP A 308 22.40 12.06 16.20
CA ASP A 308 21.00 12.42 16.38
C ASP A 308 20.07 11.90 15.29
N ALA A 309 20.62 11.09 14.41
CA ALA A 309 19.78 10.54 13.28
C ALA A 309 18.58 9.88 13.95
N PRO A 310 17.37 10.13 13.47
CA PRO A 310 16.15 9.46 14.04
C PRO A 310 16.20 7.93 13.99
N MET A 311 16.92 7.34 13.04
CA MET A 311 17.04 5.88 12.96
C MET A 311 17.63 5.28 14.22
N PHE A 312 18.47 6.02 14.94
CA PHE A 312 19.04 5.45 16.16
C PHE A 312 17.99 5.18 17.22
N GLU A 313 16.89 5.90 17.16
CA GLU A 313 15.78 5.81 18.16
C GLU A 313 15.24 4.35 18.18
N ILE A 314 15.25 3.66 17.06
CA ILE A 314 14.66 2.32 16.97
C ILE A 314 15.69 1.19 16.79
N SER A 315 16.96 1.56 16.85
CA SER A 315 18.02 0.63 16.60
C SER A 315 18.57 0.04 17.91
N LYS A 316 18.56 -1.27 17.97
CA LYS A 316 19.10 -1.93 19.21
C LYS A 316 20.63 -1.80 19.25
N TYR A 317 21.25 -1.65 18.09
CA TYR A 317 22.68 -1.57 18.00
C TYR A 317 23.06 -0.58 16.93
N GLY A 318 24.24 -0.01 17.08
CA GLY A 318 24.62 0.97 16.02
C GLY A 318 26.04 1.47 16.20
N ILE A 319 26.56 2.08 15.15
CA ILE A 319 27.85 2.79 15.25
C ILE A 319 27.64 4.20 14.71
N VAL A 320 28.17 5.16 15.45
CA VAL A 320 28.24 6.55 14.94
C VAL A 320 29.60 6.65 14.26
N GLY A 321 29.62 6.74 12.93
CA GLY A 321 30.86 6.86 12.19
C GLY A 321 30.54 6.89 10.70
N ASP A 322 31.56 6.80 9.87
CA ASP A 322 31.47 6.84 8.44
C ASP A 322 31.30 5.48 7.90
N ALA A 323 30.10 5.20 7.37
CA ALA A 323 29.83 3.96 6.76
C ALA A 323 30.89 3.44 5.82
N LEU A 324 31.55 4.34 5.09
CA LEU A 324 32.44 3.90 4.08
C LEU A 324 33.72 3.27 4.69
N LYS A 325 34.00 3.66 5.93
CA LYS A 325 35.10 3.10 6.71
C LYS A 325 34.62 1.87 7.51
N ILE A 326 33.43 1.95 8.10
N ILE A 326 33.41 1.94 8.03
CA ILE A 326 32.88 0.87 8.89
CA ILE A 326 32.87 0.92 8.86
C ILE A 326 32.60 -0.37 8.08
C ILE A 326 32.48 -0.32 8.18
N LEU A 327 31.81 -0.24 7.03
CA LEU A 327 31.33 -1.35 6.29
C LEU A 327 32.39 -2.40 5.97
N PRO A 328 33.53 -1.97 5.38
CA PRO A 328 34.48 -3.04 5.02
C PRO A 328 35.02 -3.76 6.25
N LEU A 329 35.19 -3.06 7.36
CA LEU A 329 35.72 -3.69 8.58
C LEU A 329 34.68 -4.65 9.15
N LEU A 330 33.41 -4.23 9.14
CA LEU A 330 32.32 -5.07 9.66
C LEU A 330 32.15 -6.31 8.85
N THR A 331 32.16 -6.21 7.52
CA THR A 331 32.05 -7.35 6.63
C THR A 331 33.18 -8.34 6.86
N ALA A 332 34.36 -7.79 6.99
CA ALA A 332 35.52 -8.72 7.16
C ALA A 332 35.46 -9.44 8.49
N LYS A 333 35.02 -8.76 9.53
CA LYS A 333 34.90 -9.36 10.88
C LYS A 333 33.81 -10.42 10.88
N ILE A 334 32.68 -10.11 10.24
N ILE A 334 32.68 -10.12 10.25
CA ILE A 334 31.60 -11.08 10.10
CA ILE A 334 31.64 -11.10 10.17
C ILE A 334 32.03 -12.33 9.34
C ILE A 334 32.08 -12.35 9.36
N LYS A 335 32.70 -12.13 8.20
CA LYS A 335 33.19 -13.21 7.38
C LYS A 335 34.17 -14.10 8.16
N ALA A 336 35.04 -13.49 8.94
CA ALA A 336 36.00 -14.24 9.72
C ALA A 336 35.32 -15.06 10.83
N PHE A 337 34.31 -14.48 11.49
CA PHE A 337 33.57 -15.21 12.51
C PHE A 337 32.88 -16.42 11.87
N LYS A 338 32.32 -16.25 10.70
CA LYS A 338 31.58 -17.30 10.05
C LYS A 338 32.45 -18.46 9.55
N GLU A 339 33.60 -18.17 8.99
CA GLU A 339 34.31 -19.17 8.22
C GLU A 339 35.77 -19.01 8.52
N SER A 340 36.25 -19.53 9.64
CA SER A 340 35.46 -19.98 10.77
C SER A 340 35.51 -18.88 11.80
N MET B 1 -7.32 18.13 -24.03
CA MET B 1 -7.45 17.02 -23.09
C MET B 1 -7.96 17.66 -21.80
N ASN B 2 -8.94 17.03 -21.18
CA ASN B 2 -9.52 17.50 -19.92
C ASN B 2 -9.04 16.45 -18.85
N ILE B 3 -8.54 17.04 -17.80
CA ILE B 3 -8.03 16.25 -16.63
C ILE B 3 -8.78 16.70 -15.40
N VAL B 4 -9.20 15.80 -14.52
CA VAL B 4 -9.64 16.07 -13.18
C VAL B 4 -8.67 15.44 -12.18
N VAL B 5 -8.23 16.23 -11.20
CA VAL B 5 -7.37 15.73 -10.09
C VAL B 5 -8.22 15.79 -8.82
N CYS B 6 -8.33 14.63 -8.16
CA CYS B 6 -9.04 14.57 -6.91
C CYS B 6 -8.03 14.82 -5.77
N VAL B 7 -8.25 15.90 -5.05
CA VAL B 7 -7.27 16.37 -4.06
C VAL B 7 -7.88 16.42 -2.68
N LYS B 8 -7.23 15.85 -1.67
CA LYS B 8 -7.75 15.81 -0.31
C LYS B 8 -6.85 16.67 0.60
N GLN B 9 -7.51 17.39 1.48
CA GLN B 9 -6.78 18.04 2.57
C GLN B 9 -6.74 17.05 3.72
N VAL B 10 -5.54 16.93 4.37
CA VAL B 10 -5.29 15.96 5.45
C VAL B 10 -4.43 16.64 6.52
N PRO B 11 -4.55 16.18 7.74
CA PRO B 11 -3.45 16.47 8.71
C PRO B 11 -2.15 15.87 8.23
N ASP B 12 -1.05 16.55 8.48
CA ASP B 12 0.23 16.02 8.12
C ASP B 12 0.69 14.95 9.07
N THR B 13 0.24 13.73 8.81
CA THR B 13 0.46 12.62 9.73
C THR B 13 1.91 12.25 9.84
N ALA B 14 2.72 12.71 8.90
CA ALA B 14 4.18 12.48 8.99
C ALA B 14 4.85 13.24 10.13
N GLU B 15 4.19 14.27 10.63
CA GLU B 15 4.56 15.01 11.82
C GLU B 15 4.03 14.50 13.13
N MET B 16 3.16 13.51 13.13
CA MET B 16 2.66 12.89 14.34
C MET B 16 3.80 11.95 14.85
N LYS B 17 3.89 11.86 16.15
CA LYS B 17 4.85 10.92 16.75
C LYS B 17 4.27 10.37 18.04
N ILE B 18 4.47 9.07 18.26
CA ILE B 18 4.06 8.50 19.53
C ILE B 18 5.35 8.45 20.36
N ASP B 19 5.25 8.98 21.53
CA ASP B 19 6.43 9.02 22.40
C ASP B 19 6.51 7.62 23.06
N PRO B 20 7.62 6.83 22.83
CA PRO B 20 7.67 5.42 23.34
C PRO B 20 7.73 5.35 24.86
N VAL B 21 8.10 6.48 25.47
CA VAL B 21 8.12 6.60 26.93
C VAL B 21 6.74 6.75 27.57
N THR B 22 5.90 7.64 27.07
CA THR B 22 4.50 7.79 27.61
C THR B 22 3.40 7.02 26.80
N ASN B 23 3.79 6.53 25.62
CA ASN B 23 2.80 6.04 24.64
C ASN B 23 1.70 7.04 24.22
N ASN B 24 1.94 8.35 24.37
CA ASN B 24 0.95 9.31 23.93
C ASN B 24 1.35 9.86 22.57
N LEU B 25 0.31 10.20 21.84
CA LEU B 25 0.42 10.75 20.49
C LEU B 25 0.79 12.21 20.60
N VAL B 26 1.89 12.60 19.98
CA VAL B 26 2.31 14.01 19.97
C VAL B 26 2.06 14.59 18.56
N ARG B 27 1.50 15.81 18.53
CA ARG B 27 1.05 16.39 17.29
C ARG B 27 1.71 17.70 17.06
N ASP B 28 2.95 17.84 17.54
CA ASP B 28 3.73 19.07 17.29
C ASP B 28 4.05 19.21 15.80
N GLY B 29 3.75 20.35 15.25
CA GLY B 29 4.07 20.60 13.87
C GLY B 29 3.02 19.98 12.95
N VAL B 30 1.93 19.40 13.48
CA VAL B 30 0.85 18.85 12.61
C VAL B 30 -0.13 19.97 12.18
N THR B 31 -0.21 20.19 10.90
CA THR B 31 -1.09 21.19 10.36
C THR B 31 -1.90 20.49 9.23
N ASN B 32 -2.94 21.12 8.69
CA ASN B 32 -3.58 20.58 7.45
C ASN B 32 -2.77 20.95 6.23
N ILE B 33 -2.54 20.02 5.33
CA ILE B 33 -1.78 20.14 4.12
C ILE B 33 -2.55 19.47 2.98
N MET B 34 -2.11 19.74 1.78
CA MET B 34 -2.50 18.95 0.63
C MET B 34 -1.86 17.57 0.75
N ASN B 35 -2.64 16.54 0.70
CA ASN B 35 -2.12 15.17 0.77
C ASN B 35 -0.96 15.02 -0.16
N PRO B 36 0.17 14.46 0.35
CA PRO B 36 1.37 14.41 -0.49
C PRO B 36 1.20 13.66 -1.81
N TYR B 37 0.49 12.53 -1.80
CA TYR B 37 0.30 11.77 -3.04
C TYR B 37 -0.58 12.59 -4.04
N ASP B 38 -1.41 13.44 -3.53
CA ASP B 38 -2.21 14.32 -4.37
C ASP B 38 -1.34 15.43 -4.96
N GLN B 39 -0.40 15.90 -4.20
CA GLN B 39 0.60 16.81 -4.76
C GLN B 39 1.25 16.17 -5.99
N TYR B 40 1.61 14.89 -5.89
CA TYR B 40 2.19 14.19 -7.04
C TYR B 40 1.15 14.01 -8.19
N ALA B 41 -0.10 13.78 -7.86
CA ALA B 41 -1.15 13.64 -8.85
C ALA B 41 -1.32 14.99 -9.62
N LEU B 42 -1.25 16.06 -8.87
CA LEU B 42 -1.36 17.44 -9.43
C LEU B 42 -0.19 17.79 -10.30
N GLU B 43 1.00 17.48 -9.80
CA GLU B 43 2.19 17.82 -10.55
C GLU B 43 2.17 17.02 -11.82
N THR B 44 1.73 15.74 -11.84
CA THR B 44 1.61 14.94 -13.03
C THR B 44 0.70 15.70 -14.02
N ALA B 45 -0.48 16.13 -13.56
CA ALA B 45 -1.41 16.84 -14.39
C ALA B 45 -0.79 18.09 -14.99
N LEU B 46 -0.11 18.84 -14.14
CA LEU B 46 0.48 20.13 -14.62
C LEU B 46 1.56 19.89 -15.63
N GLN B 47 2.26 18.74 -15.55
CA GLN B 47 3.32 18.39 -16.49
C GLN B 47 2.67 18.05 -17.83
N LEU B 48 1.51 17.40 -17.78
CA LEU B 48 0.71 17.12 -19.00
C LEU B 48 0.21 18.40 -19.59
N LYS B 49 -0.24 19.32 -18.79
N LYS B 49 -0.23 19.33 -18.73
CA LYS B 49 -0.73 20.60 -19.27
CA LYS B 49 -0.75 20.65 -19.15
C LYS B 49 0.44 21.27 -20.01
C LYS B 49 0.34 21.46 -19.83
N ASP B 50 1.58 21.35 -19.35
CA ASP B 50 2.73 22.11 -19.99
C ASP B 50 3.11 21.39 -21.32
N GLU B 51 3.06 20.09 -21.38
CA GLU B 51 3.56 19.38 -22.56
C GLU B 51 2.55 19.47 -23.66
N LEU B 52 1.30 19.19 -23.37
CA LEU B 52 0.33 18.91 -24.35
C LEU B 52 -0.80 19.92 -24.43
N GLY B 53 -0.94 20.80 -23.44
CA GLY B 53 -2.15 21.57 -23.34
C GLY B 53 -3.15 20.60 -22.69
N ALA B 54 -3.70 20.99 -21.60
CA ALA B 54 -4.70 20.13 -21.00
C ALA B 54 -5.37 21.07 -20.14
N HIS B 55 -6.67 20.95 -19.95
CA HIS B 55 -7.38 21.77 -19.00
C HIS B 55 -7.46 20.97 -17.68
N VAL B 56 -7.05 21.55 -16.56
CA VAL B 56 -6.95 20.75 -15.29
C VAL B 56 -7.94 21.35 -14.30
N THR B 57 -8.85 20.54 -13.79
CA THR B 57 -9.84 20.84 -12.83
C THR B 57 -9.48 20.05 -11.56
N VAL B 58 -9.34 20.72 -10.44
CA VAL B 58 -9.18 20.04 -9.15
C VAL B 58 -10.50 20.05 -8.33
N ILE B 59 -10.78 18.93 -7.68
CA ILE B 59 -12.03 18.75 -6.94
C ILE B 59 -11.66 18.19 -5.58
N THR B 60 -12.24 18.80 -4.56
N THR B 60 -12.18 18.82 -4.51
CA THR B 60 -12.05 18.29 -3.21
CA THR B 60 -12.05 18.26 -3.11
C THR B 60 -13.33 18.34 -2.48
C THR B 60 -13.45 18.00 -2.50
N MET B 61 -13.48 17.33 -1.65
N MET B 61 -13.59 16.95 -1.68
CA MET B 61 -14.66 17.15 -0.82
CA MET B 61 -14.79 16.74 -0.77
C MET B 61 -14.22 17.27 0.58
C MET B 61 -14.26 17.18 0.62
N GLY B 62 -14.76 18.24 1.20
CA GLY B 62 -14.37 18.60 2.59
C GLY B 62 -15.13 19.71 3.19
N PRO B 63 -14.82 20.04 4.46
CA PRO B 63 -15.42 21.19 5.10
C PRO B 63 -14.96 22.51 4.48
N PRO B 64 -15.51 23.64 4.89
CA PRO B 64 -15.19 24.88 4.18
C PRO B 64 -13.71 25.25 4.19
N HIS B 65 -12.98 24.90 5.25
CA HIS B 65 -11.59 25.20 5.28
C HIS B 65 -10.75 24.34 4.32
N ALA B 66 -11.31 23.33 3.69
CA ALA B 66 -10.59 22.60 2.69
C ALA B 66 -10.39 23.45 1.47
N GLU B 67 -11.07 24.58 1.39
CA GLU B 67 -10.90 25.44 0.23
C GLU B 67 -9.44 25.86 0.10
N SER B 68 -8.68 25.91 1.19
CA SER B 68 -7.27 26.34 1.05
C SER B 68 -6.45 25.46 0.14
N VAL B 69 -6.77 24.17 0.17
N VAL B 69 -6.68 24.12 0.10
CA VAL B 69 -6.06 23.24 -0.62
CA VAL B 69 -5.86 23.27 -0.79
C VAL B 69 -6.27 23.57 -2.10
C VAL B 69 -6.25 23.50 -2.24
N LEU B 70 -7.53 23.88 -2.46
CA LEU B 70 -7.89 24.25 -3.80
C LEU B 70 -7.26 25.55 -4.27
N ARG B 71 -7.12 26.51 -3.38
CA ARG B 71 -6.42 27.78 -3.69
C ARG B 71 -4.96 27.41 -4.01
N ASP B 72 -4.38 26.49 -3.23
CA ASP B 72 -3.01 26.10 -3.55
C ASP B 72 -2.83 25.47 -4.89
N CYS B 73 -3.80 24.69 -5.33
CA CYS B 73 -3.82 24.09 -6.63
C CYS B 73 -3.91 25.12 -7.74
N LEU B 74 -4.80 26.12 -7.58
CA LEU B 74 -4.90 27.17 -8.56
C LEU B 74 -3.59 28.00 -8.67
N ALA B 75 -2.93 28.11 -7.50
CA ALA B 75 -1.72 29.01 -7.35
C ALA B 75 -0.58 28.46 -8.17
N VAL B 76 -0.55 27.12 -8.37
CA VAL B 76 0.43 26.48 -9.26
C VAL B 76 0.01 26.19 -10.63
N GLY B 77 -1.19 26.58 -11.02
CA GLY B 77 -1.60 26.44 -12.39
C GLY B 77 -2.81 25.66 -12.83
N ALA B 78 -3.49 25.03 -11.87
CA ALA B 78 -4.68 24.36 -12.23
C ALA B 78 -5.66 25.41 -12.79
N ASP B 79 -6.50 25.02 -13.75
CA ASP B 79 -7.43 25.97 -14.45
C ASP B 79 -8.61 26.32 -13.57
N GLU B 80 -9.19 25.31 -12.87
CA GLU B 80 -10.52 25.46 -12.23
C GLU B 80 -10.46 24.60 -10.97
N ALA B 81 -11.21 25.03 -9.97
CA ALA B 81 -11.38 24.32 -8.73
C ALA B 81 -12.82 24.22 -8.32
N LYS B 82 -13.19 23.08 -7.74
CA LYS B 82 -14.51 22.94 -7.18
C LYS B 82 -14.40 22.35 -5.78
N LEU B 83 -15.17 22.97 -4.88
CA LEU B 83 -15.31 22.49 -3.49
C LEU B 83 -16.65 21.77 -3.32
N VAL B 84 -16.65 20.53 -2.92
CA VAL B 84 -17.89 19.75 -2.58
C VAL B 84 -17.99 19.74 -1.11
N SER B 85 -18.96 20.45 -0.54
CA SER B 85 -18.94 20.71 0.88
C SER B 85 -20.37 20.67 1.44
N ASP B 86 -20.65 19.73 2.31
CA ASP B 86 -22.03 19.50 2.84
C ASP B 86 -21.95 18.48 3.92
N ARG B 87 -22.56 18.77 5.09
CA ARG B 87 -22.54 17.78 6.15
C ARG B 87 -23.10 16.41 5.79
N ALA B 88 -23.88 16.37 4.75
CA ALA B 88 -24.49 15.12 4.22
C ALA B 88 -23.36 14.17 3.74
N PHE B 89 -22.20 14.71 3.38
CA PHE B 89 -21.02 13.86 2.99
C PHE B 89 -20.19 13.40 4.21
N GLY B 90 -20.47 13.90 5.38
CA GLY B 90 -19.64 13.64 6.55
C GLY B 90 -19.81 12.20 7.07
N GLY B 91 -18.73 11.64 7.64
CA GLY B 91 -18.76 10.32 8.16
C GLY B 91 -18.65 9.19 7.11
N ALA B 92 -18.26 9.62 5.91
CA ALA B 92 -18.17 8.69 4.75
C ALA B 92 -16.95 7.77 4.85
N ASP B 93 -17.28 6.50 4.65
CA ASP B 93 -16.21 5.54 4.33
C ASP B 93 -15.76 5.63 2.88
N THR B 94 -14.88 4.71 2.41
CA THR B 94 -14.31 4.88 1.09
C THR B 94 -15.36 4.68 0.00
N LEU B 95 -16.33 3.81 0.24
CA LEU B 95 -17.43 3.62 -0.76
C LEU B 95 -18.25 4.85 -0.93
N ALA B 96 -18.62 5.45 0.19
CA ALA B 96 -19.41 6.72 0.18
C ALA B 96 -18.62 7.92 -0.36
N THR B 97 -17.31 7.95 -0.05
CA THR B 97 -16.50 8.99 -0.56
C THR B 97 -16.31 8.90 -2.08
N SER B 98 -16.03 7.70 -2.56
CA SER B 98 -15.90 7.44 -3.98
C SER B 98 -17.25 7.65 -4.66
N ALA B 99 -18.38 7.28 -4.06
CA ALA B 99 -19.67 7.59 -4.71
C ALA B 99 -19.85 9.05 -4.88
N ALA B 100 -19.54 9.83 -3.84
CA ALA B 100 -19.73 11.26 -3.93
C ALA B 100 -18.88 11.84 -5.07
N MET B 101 -17.61 11.45 -5.14
N MET B 101 -17.63 11.40 -5.15
CA MET B 101 -16.72 12.00 -6.17
CA MET B 101 -16.71 11.95 -6.13
C MET B 101 -17.14 11.58 -7.56
C MET B 101 -17.03 11.53 -7.57
N ALA B 102 -17.44 10.31 -7.72
CA ALA B 102 -17.91 9.80 -9.04
C ALA B 102 -19.08 10.55 -9.50
N ASN B 103 -20.02 10.77 -8.62
CA ASN B 103 -21.26 11.44 -9.05
C ASN B 103 -21.00 12.88 -9.29
N THR B 104 -20.06 13.49 -8.55
CA THR B 104 -19.64 14.89 -8.86
C THR B 104 -19.02 14.98 -10.20
N ILE B 105 -18.10 14.08 -10.53
CA ILE B 105 -17.41 14.07 -11.82
C ILE B 105 -18.43 13.89 -12.93
N LYS B 106 -19.35 12.97 -12.76
CA LYS B 106 -20.31 12.69 -13.83
C LYS B 106 -21.19 13.89 -14.11
N HIS B 107 -21.53 14.64 -13.09
CA HIS B 107 -22.34 15.84 -13.18
C HIS B 107 -21.73 16.81 -14.13
N PHE B 108 -20.45 17.03 -14.04
CA PHE B 108 -19.78 18.01 -14.87
C PHE B 108 -19.33 17.45 -16.17
N GLY B 109 -19.39 16.15 -16.34
CA GLY B 109 -18.89 15.49 -17.55
C GLY B 109 -17.57 14.75 -17.31
N VAL B 110 -17.59 13.47 -17.55
CA VAL B 110 -16.38 12.64 -17.32
C VAL B 110 -15.24 13.17 -18.21
N PRO B 111 -14.04 13.45 -17.68
CA PRO B 111 -12.96 13.98 -18.47
C PRO B 111 -12.19 12.88 -19.15
N ASP B 112 -11.09 13.20 -19.81
CA ASP B 112 -10.29 12.22 -20.49
C ASP B 112 -9.43 11.41 -19.51
N LEU B 113 -9.07 12.10 -18.42
CA LEU B 113 -8.13 11.46 -17.45
C LEU B 113 -8.46 11.97 -16.03
N ILE B 114 -8.68 11.04 -15.09
CA ILE B 114 -8.85 11.37 -13.70
C ILE B 114 -7.58 10.90 -12.97
N LEU B 115 -6.97 11.77 -12.19
CA LEU B 115 -5.74 11.45 -11.42
C LEU B 115 -6.09 11.60 -9.98
N CYS B 116 -5.72 10.57 -9.23
CA CYS B 116 -5.89 10.60 -7.78
C CYS B 116 -4.50 10.27 -7.15
N GLY B 117 -4.27 10.57 -5.88
CA GLY B 117 -3.11 10.06 -5.22
C GLY B 117 -3.21 8.57 -4.93
N ARG B 118 -2.13 7.89 -4.78
CA ARG B 118 -2.12 6.43 -4.48
C ARG B 118 -2.94 6.18 -3.19
N GLN B 119 -2.68 7.04 -2.16
CA GLN B 119 -3.43 6.95 -0.91
C GLN B 119 -3.47 8.34 -0.33
N ALA B 120 -4.38 8.53 0.60
CA ALA B 120 -4.37 9.66 1.51
C ALA B 120 -3.65 9.27 2.83
N ILE B 121 -2.78 10.14 3.35
CA ILE B 121 -1.90 9.71 4.45
C ILE B 121 -2.60 9.74 5.80
N ASP B 122 -3.83 10.16 5.87
CA ASP B 122 -4.66 9.93 7.08
C ASP B 122 -5.38 8.61 7.10
N GLY B 123 -6.27 8.37 6.15
CA GLY B 123 -7.06 7.13 6.10
C GLY B 123 -6.08 6.00 5.77
N ASP B 124 -5.20 6.23 4.81
CA ASP B 124 -4.21 5.30 4.36
C ASP B 124 -4.80 4.07 3.69
N THR B 125 -6.04 4.16 3.17
CA THR B 125 -6.63 2.99 2.56
C THR B 125 -6.19 2.67 1.11
N ALA B 126 -5.92 3.72 0.35
CA ALA B 126 -5.67 3.52 -1.07
C ALA B 126 -6.89 2.95 -1.78
N GLN B 127 -8.12 3.27 -1.32
CA GLN B 127 -9.30 2.68 -1.98
C GLN B 127 -10.12 3.61 -2.80
N VAL B 128 -10.06 4.90 -2.53
CA VAL B 128 -10.96 5.82 -3.25
C VAL B 128 -10.74 5.83 -4.75
N GLY B 129 -9.50 5.89 -5.21
CA GLY B 129 -9.26 6.00 -6.68
C GLY B 129 -9.83 4.83 -7.46
N PRO B 130 -9.49 3.60 -7.04
CA PRO B 130 -10.10 2.44 -7.74
C PRO B 130 -11.61 2.37 -7.63
N GLU B 131 -12.15 2.75 -6.51
CA GLU B 131 -13.60 2.71 -6.32
C GLU B 131 -14.30 3.75 -7.24
N ILE B 132 -13.68 4.90 -7.40
CA ILE B 132 -14.14 5.89 -8.36
C ILE B 132 -14.13 5.27 -9.78
N ALA B 133 -13.02 4.68 -10.16
CA ALA B 133 -12.89 4.04 -11.47
C ALA B 133 -14.06 3.05 -11.64
N GLU B 134 -14.35 2.25 -10.65
CA GLU B 134 -15.47 1.26 -10.80
C GLU B 134 -16.78 1.92 -10.89
N HIS B 135 -17.04 2.95 -10.09
CA HIS B 135 -18.28 3.62 -10.14
C HIS B 135 -18.54 4.26 -11.52
N LEU B 136 -17.53 4.77 -12.16
CA LEU B 136 -17.63 5.40 -13.47
C LEU B 136 -17.47 4.38 -14.60
N GLY B 137 -17.16 3.14 -14.30
CA GLY B 137 -17.01 2.12 -15.37
C GLY B 137 -15.79 2.35 -16.22
N LEU B 138 -14.69 2.78 -15.62
CA LEU B 138 -13.49 3.12 -16.35
C LEU B 138 -12.30 2.24 -15.99
N PRO B 139 -11.34 2.03 -16.89
CA PRO B 139 -10.19 1.23 -16.55
C PRO B 139 -9.26 2.06 -15.59
N GLN B 140 -8.43 1.31 -14.91
CA GLN B 140 -7.48 1.98 -13.94
C GLN B 140 -6.08 1.41 -14.09
N VAL B 141 -5.12 2.22 -13.68
CA VAL B 141 -3.85 1.73 -13.25
C VAL B 141 -3.56 2.46 -11.90
N THR B 142 -3.24 1.66 -10.89
CA THR B 142 -2.83 2.24 -9.56
C THR B 142 -1.32 2.31 -9.32
N ALA B 143 -0.98 3.23 -8.40
CA ALA B 143 0.41 3.35 -7.94
C ALA B 143 1.38 3.64 -9.05
N ALA B 144 1.05 4.62 -9.87
CA ALA B 144 1.94 5.05 -11.01
C ALA B 144 3.21 5.64 -10.56
N LEU B 145 4.26 5.19 -11.21
CA LEU B 145 5.60 5.79 -11.02
C LEU B 145 5.96 6.79 -12.10
N LYS B 146 5.23 6.77 -13.19
CA LYS B 146 5.37 7.71 -14.29
C LYS B 146 4.10 7.57 -15.13
N VAL B 147 3.63 8.68 -15.68
CA VAL B 147 2.44 8.76 -16.53
C VAL B 147 2.79 9.60 -17.78
N GLN B 148 2.45 9.05 -18.93
CA GLN B 148 2.61 9.77 -20.24
C GLN B 148 1.36 9.62 -21.02
N VAL B 149 1.24 10.49 -22.01
CA VAL B 149 0.06 10.43 -22.92
C VAL B 149 0.56 10.38 -24.34
N LYS B 150 0.10 9.35 -25.08
CA LYS B 150 0.46 9.18 -26.49
C LYS B 150 -0.84 9.12 -27.23
N ASP B 151 -1.24 10.26 -27.80
CA ASP B 151 -2.46 10.32 -28.59
C ASP B 151 -3.73 10.18 -27.72
N ASP B 152 -4.43 9.06 -27.87
CA ASP B 152 -5.62 8.83 -27.14
C ASP B 152 -5.31 7.79 -26.06
N THR B 153 -4.04 7.52 -25.80
CA THR B 153 -3.71 6.48 -24.80
C THR B 153 -2.82 7.05 -23.65
N VAL B 154 -3.01 6.47 -22.45
CA VAL B 154 -2.21 6.79 -21.33
C VAL B 154 -1.26 5.62 -21.07
N VAL B 155 0.01 5.92 -20.84
CA VAL B 155 1.08 4.97 -20.68
C VAL B 155 1.56 5.16 -19.23
N VAL B 156 1.51 4.09 -18.46
CA VAL B 156 1.79 4.16 -16.99
C VAL B 156 2.80 3.14 -16.57
N ASP B 157 3.81 3.57 -15.87
CA ASP B 157 4.74 2.68 -15.24
C ASP B 157 4.22 2.28 -13.85
N ARG B 158 4.24 0.99 -13.51
CA ARG B 158 3.69 0.46 -12.24
C ARG B 158 4.49 -0.80 -11.95
N ASP B 159 4.92 -0.98 -10.72
CA ASP B 159 5.52 -2.21 -10.26
C ASP B 159 4.65 -3.04 -9.31
N ASN B 160 4.94 -4.33 -9.26
CA ASN B 160 4.53 -5.12 -8.10
C ASN B 160 5.78 -5.73 -7.48
N GLU B 161 5.61 -6.64 -6.55
CA GLU B 161 6.76 -7.10 -5.75
C GLU B 161 7.79 -7.87 -6.59
N GLN B 162 7.30 -8.50 -7.63
CA GLN B 162 8.14 -9.30 -8.55
C GLN B 162 8.51 -8.70 -9.88
N MET B 163 7.75 -7.75 -10.37
CA MET B 163 7.80 -7.33 -11.77
C MET B 163 7.79 -5.80 -11.84
N SER B 164 8.55 -5.26 -12.78
CA SER B 164 8.46 -3.85 -13.23
C SER B 164 7.72 -3.78 -14.53
N MET B 165 6.65 -3.01 -14.66
CA MET B 165 5.71 -3.08 -15.77
C MET B 165 5.43 -1.71 -16.34
N THR B 166 4.95 -1.71 -17.58
CA THR B 166 4.33 -0.60 -18.19
C THR B 166 3.06 -1.00 -18.85
N PHE B 167 2.00 -0.24 -18.61
CA PHE B 167 0.64 -0.49 -19.15
C PHE B 167 0.16 0.69 -19.99
N THR B 168 -0.73 0.41 -20.94
CA THR B 168 -1.43 1.45 -21.70
C THR B 168 -2.90 1.22 -21.59
N MET B 169 -3.68 2.27 -21.67
CA MET B 169 -5.12 2.21 -21.76
C MET B 169 -5.63 3.45 -22.50
N LYS B 170 -6.82 3.29 -23.11
CA LYS B 170 -7.42 4.35 -23.80
C LYS B 170 -8.16 5.25 -22.84
N MET B 171 -8.22 6.54 -23.14
CA MET B 171 -9.08 7.46 -22.40
C MET B 171 -10.50 7.28 -22.76
N PRO B 172 -11.41 7.52 -21.85
CA PRO B 172 -11.25 7.98 -20.44
C PRO B 172 -10.80 6.84 -19.50
N CYS B 173 -9.98 7.29 -18.52
CA CYS B 173 -9.34 6.29 -17.65
C CYS B 173 -8.97 7.02 -16.33
N VAL B 174 -8.63 6.17 -15.36
CA VAL B 174 -8.24 6.64 -14.01
C VAL B 174 -6.84 6.14 -13.73
N VAL B 175 -6.03 7.04 -13.21
CA VAL B 175 -4.69 6.69 -12.74
C VAL B 175 -4.47 7.19 -11.29
N THR B 176 -3.96 6.33 -10.44
CA THR B 176 -3.57 6.75 -9.11
C THR B 176 -2.06 6.80 -9.06
N VAL B 177 -1.52 7.78 -8.35
CA VAL B 177 -0.10 8.19 -8.48
C VAL B 177 0.72 7.98 -7.18
N MET B 178 1.75 7.16 -7.30
CA MET B 178 2.67 6.88 -6.20
C MET B 178 3.80 7.90 -6.18
N ARG B 179 4.30 8.44 -7.31
CA ARG B 179 5.46 9.35 -7.34
C ARG B 179 5.35 10.22 -8.62
N SER B 180 5.80 11.44 -8.43
CA SER B 180 6.17 12.39 -9.47
C SER B 180 7.27 13.21 -8.84
N LYS B 181 7.85 14.11 -9.64
CA LYS B 181 8.63 15.17 -9.04
C LYS B 181 7.77 15.94 -8.01
N ASP B 182 8.40 16.55 -7.03
CA ASP B 182 7.75 17.38 -6.05
C ASP B 182 6.95 18.47 -6.75
N LEU B 183 5.82 18.82 -6.15
CA LEU B 183 4.96 19.82 -6.76
C LEU B 183 5.77 21.15 -6.86
N ARG B 184 5.54 21.75 -8.01
CA ARG B 184 6.17 23.05 -8.30
C ARG B 184 5.79 24.13 -7.36
N PHE B 185 6.63 25.18 -7.36
CA PHE B 185 6.45 26.31 -6.53
C PHE B 185 5.36 27.27 -6.93
N ALA B 186 4.66 27.82 -5.95
CA ALA B 186 3.68 28.92 -6.16
C ALA B 186 4.29 30.28 -5.80
N SER B 187 4.41 31.07 -6.85
CA SER B 187 4.90 32.39 -6.69
C SER B 187 3.84 33.32 -6.09
N ILE B 188 4.27 34.52 -5.69
N ILE B 188 4.28 34.52 -5.67
CA ILE B 188 3.35 35.53 -5.16
CA ILE B 188 3.34 35.55 -5.19
C ILE B 188 2.28 35.90 -6.18
C ILE B 188 2.27 35.83 -6.21
N ARG B 189 2.65 35.91 -7.46
CA ARG B 189 1.70 36.25 -8.55
C ARG B 189 0.65 35.09 -8.66
N GLY B 190 1.18 33.87 -8.65
CA GLY B 190 0.33 32.69 -8.66
C GLY B 190 -0.62 32.70 -7.52
N LYS B 191 -0.19 32.97 -6.32
CA LYS B 191 -1.05 32.90 -5.14
C LYS B 191 -2.11 34.05 -5.26
N MET B 192 -1.67 35.22 -5.75
CA MET B 192 -2.71 36.34 -5.96
C MET B 192 -3.77 35.99 -6.94
N LYS B 193 -3.42 35.40 -8.06
CA LYS B 193 -4.40 34.98 -9.09
C LYS B 193 -5.33 33.98 -8.42
N ALA B 194 -4.76 33.06 -7.62
CA ALA B 194 -5.63 32.02 -7.04
C ALA B 194 -6.62 32.64 -6.09
N ARG B 195 -6.17 33.64 -5.33
CA ARG B 195 -7.00 34.29 -4.34
C ARG B 195 -8.20 34.99 -4.98
N LYS B 196 -8.04 35.46 -6.19
CA LYS B 196 -9.10 36.18 -6.92
C LYS B 196 -10.04 35.31 -7.62
N ALA B 197 -9.68 34.05 -7.86
CA ALA B 197 -10.53 33.13 -8.57
C ALA B 197 -11.81 32.82 -7.87
N GLU B 198 -12.79 32.51 -8.70
CA GLU B 198 -14.04 31.97 -8.19
C GLU B 198 -13.93 30.43 -8.04
N ILE B 199 -14.18 29.98 -6.81
CA ILE B 199 -14.28 28.56 -6.51
C ILE B 199 -15.75 28.30 -6.11
N PRO B 200 -16.48 27.67 -6.99
CA PRO B 200 -17.84 27.28 -6.58
C PRO B 200 -17.88 26.21 -5.52
N VAL B 201 -18.86 26.32 -4.64
CA VAL B 201 -19.06 25.41 -3.54
C VAL B 201 -20.37 24.65 -3.80
N TYR B 202 -20.34 23.34 -3.77
CA TYR B 202 -21.46 22.45 -4.26
C TYR B 202 -21.97 21.65 -3.08
N THR B 203 -23.25 21.69 -2.84
CA THR B 203 -23.87 20.79 -1.92
C THR B 203 -24.36 19.53 -2.60
N ALA B 204 -24.80 18.54 -1.81
CA ALA B 204 -25.34 17.29 -2.37
C ALA B 204 -26.58 17.64 -3.20
N ALA B 205 -27.39 18.52 -2.68
CA ALA B 205 -28.68 18.84 -3.41
C ALA B 205 -28.35 19.49 -4.73
N ALA B 206 -27.39 20.43 -4.77
CA ALA B 206 -26.98 21.03 -6.01
C ALA B 206 -26.48 20.07 -7.06
N LEU B 207 -25.77 19.03 -6.62
CA LEU B 207 -25.22 18.04 -7.50
C LEU B 207 -26.23 16.87 -7.80
N GLU B 208 -27.37 16.94 -7.15
CA GLU B 208 -28.46 15.92 -7.20
C GLU B 208 -27.99 14.53 -6.82
N ILE B 209 -27.13 14.49 -5.80
CA ILE B 209 -26.67 13.23 -5.30
C ILE B 209 -27.52 12.70 -4.19
N PRO B 210 -28.10 11.48 -4.32
CA PRO B 210 -28.98 11.03 -3.28
C PRO B 210 -28.26 10.94 -1.92
N LEU B 211 -28.94 11.37 -0.88
CA LEU B 211 -28.36 11.38 0.47
C LEU B 211 -27.94 9.99 0.92
N ASP B 212 -28.68 8.92 0.49
CA ASP B 212 -28.43 7.63 0.97
C ASP B 212 -27.25 6.88 0.40
N ILE B 213 -26.47 7.46 -0.50
CA ILE B 213 -25.28 6.86 -1.03
C ILE B 213 -24.02 7.63 -0.65
N ILE B 214 -24.19 8.60 0.24
CA ILE B 214 -23.10 9.46 0.67
C ILE B 214 -23.04 9.52 2.17
N GLY B 215 -21.94 10.05 2.70
CA GLY B 215 -21.83 10.19 4.11
C GLY B 215 -21.93 8.85 4.84
N LYS B 216 -22.22 8.93 6.14
CA LYS B 216 -22.48 7.75 6.94
C LYS B 216 -23.56 6.88 6.33
N ALA B 217 -24.65 7.52 5.83
CA ALA B 217 -25.73 6.77 5.27
C ALA B 217 -25.29 5.79 4.17
N GLY B 218 -24.34 6.21 3.36
CA GLY B 218 -23.89 5.40 2.24
C GLY B 218 -22.71 4.50 2.54
N SER B 219 -22.32 4.44 3.81
CA SER B 219 -21.10 3.72 4.24
C SER B 219 -21.37 2.33 4.76
N PRO B 220 -20.90 1.32 4.14
CA PRO B 220 -21.00 -0.07 4.70
C PRO B 220 -20.17 -0.30 5.96
N THR B 221 -19.07 0.39 6.10
CA THR B 221 -18.21 0.28 7.24
C THR B 221 -18.43 1.46 8.18
N GLN B 222 -18.08 1.21 9.45
CA GLN B 222 -18.08 2.18 10.52
C GLN B 222 -16.89 1.94 11.42
N VAL B 223 -16.14 3.02 11.70
CA VAL B 223 -15.06 2.98 12.72
C VAL B 223 -15.77 2.97 14.08
N MET B 224 -15.52 1.91 14.85
CA MET B 224 -16.24 1.75 16.15
C MET B 224 -15.40 2.26 17.29
N LYS B 225 -14.09 2.29 17.06
CA LYS B 225 -13.15 2.69 18.08
C LYS B 225 -11.82 2.97 17.44
N SER B 226 -11.13 3.96 18.01
CA SER B 226 -9.79 4.21 17.64
C SER B 226 -8.93 4.39 18.86
N PHE B 227 -7.65 4.14 18.75
CA PHE B 227 -6.76 4.20 19.89
C PHE B 227 -5.33 4.35 19.43
N THR B 228 -4.43 4.79 20.31
CA THR B 228 -3.04 4.86 19.97
C THR B 228 -2.40 3.57 20.28
N PRO B 229 -1.65 3.00 19.35
CA PRO B 229 -0.98 1.78 19.59
C PRO B 229 0.15 1.89 20.66
N LYS B 230 0.39 0.74 21.34
CA LYS B 230 1.56 0.50 22.23
C LYS B 230 2.85 0.63 21.44
N VAL B 231 3.83 1.45 21.86
CA VAL B 231 5.19 1.41 21.22
C VAL B 231 6.22 1.03 22.30
N THR B 232 6.97 -0.05 22.08
CA THR B 232 7.94 -0.48 23.13
C THR B 232 9.28 0.17 22.81
N GLN B 233 9.73 0.98 23.74
CA GLN B 233 10.97 1.73 23.63
C GLN B 233 12.16 0.78 23.42
N VAL B 234 13.11 1.18 22.57
CA VAL B 234 14.28 0.37 22.33
C VAL B 234 15.43 1.13 23.00
N HIS B 235 16.21 0.44 23.81
CA HIS B 235 17.37 1.05 24.45
C HIS B 235 18.65 0.56 23.74
N GLY B 236 19.02 1.25 22.68
CA GLY B 236 20.03 0.78 21.81
C GLY B 236 21.41 1.00 22.43
N GLU B 237 22.32 0.15 22.04
CA GLU B 237 23.70 0.20 22.43
C GLU B 237 24.46 0.69 21.24
N ILE B 238 24.90 1.93 21.35
CA ILE B 238 25.49 2.61 20.22
C ILE B 238 26.97 2.88 20.50
N PHE B 239 27.85 2.46 19.63
CA PHE B 239 29.33 2.59 19.79
C PHE B 239 29.73 3.79 18.97
N ASP B 240 30.58 4.65 19.54
CA ASP B 240 30.89 5.96 18.87
C ASP B 240 32.42 6.25 19.03
N ASP B 241 33.15 5.17 19.24
CA ASP B 241 34.63 5.19 19.25
C ASP B 241 35.22 5.84 18.02
N GLU B 242 36.27 6.64 18.23
CA GLU B 242 36.86 7.39 17.12
C GLU B 242 37.47 6.45 16.08
N ASP B 243 38.09 5.36 16.53
CA ASP B 243 38.73 4.45 15.61
C ASP B 243 37.62 3.45 15.15
N PRO B 244 37.25 3.47 13.86
CA PRO B 244 36.20 2.59 13.40
C PRO B 244 36.46 1.13 13.68
N ALA B 245 37.73 0.67 13.70
CA ALA B 245 38.01 -0.74 13.98
C ALA B 245 37.62 -1.09 15.38
N VAL B 246 37.79 -0.17 16.32
CA VAL B 246 37.41 -0.43 17.69
C VAL B 246 35.85 -0.48 17.78
N ALA B 247 35.15 0.47 17.14
CA ALA B 247 33.69 0.43 17.15
C ALA B 247 33.17 -0.88 16.58
N VAL B 248 33.79 -1.35 15.51
CA VAL B 248 33.33 -2.55 14.78
C VAL B 248 33.60 -3.78 15.68
N ASP B 249 34.78 -3.84 16.31
CA ASP B 249 35.04 -4.96 17.24
C ASP B 249 34.02 -5.01 18.37
N LYS B 250 33.65 -3.85 18.91
CA LYS B 250 32.69 -3.80 20.00
C LYS B 250 31.31 -4.26 19.49
N LEU B 251 30.90 -3.68 18.37
CA LEU B 251 29.60 -4.10 17.78
C LEU B 251 29.53 -5.58 17.50
N VAL B 252 30.51 -6.12 16.82
CA VAL B 252 30.49 -7.50 16.43
C VAL B 252 30.52 -8.41 17.66
N ASN B 253 31.33 -8.06 18.62
CA ASN B 253 31.36 -8.92 19.85
C ASN B 253 29.99 -8.97 20.52
N LYS B 254 29.24 -7.86 20.53
CA LYS B 254 27.98 -7.82 21.10
C LYS B 254 26.95 -8.55 20.24
N LEU B 255 27.02 -8.39 18.92
CA LEU B 255 26.09 -9.13 18.05
C LEU B 255 26.26 -10.64 18.26
N ILE B 256 27.52 -11.06 18.43
N ILE B 256 27.50 -11.09 18.44
CA ILE B 256 27.88 -12.46 18.63
CA ILE B 256 27.79 -12.54 18.61
C ILE B 256 27.31 -12.98 19.94
C ILE B 256 27.28 -13.00 19.98
N GLU B 257 27.52 -12.20 20.99
CA GLU B 257 27.10 -12.56 22.39
C GLU B 257 25.59 -12.61 22.49
N ASP B 258 24.93 -11.72 21.74
CA ASP B 258 23.47 -11.65 21.83
C ASP B 258 22.78 -12.53 20.79
N LYS B 259 23.54 -13.39 20.10
CA LYS B 259 23.00 -14.39 19.17
C LYS B 259 22.31 -13.75 17.98
N ILE B 260 22.79 -12.54 17.65
CA ILE B 260 22.20 -11.85 16.44
C ILE B 260 22.96 -12.29 15.22
N ILE B 261 24.30 -12.40 15.25
CA ILE B 261 25.14 -12.98 14.20
C ILE B 261 25.61 -14.38 14.69
N THR B 262 25.40 -15.36 13.85
CA THR B 262 25.70 -16.81 14.10
C THR B 262 26.63 -17.44 13.02
N LYS B 263 27.25 -18.60 13.35
CA LYS B 263 27.96 -19.57 12.42
C LYS B 263 29.43 -19.85 12.78
#